data_5OW5
#
_entry.id   5OW5
#
_cell.length_a   36.330
_cell.length_b   79.060
_cell.length_c   99.060
_cell.angle_alpha   90.00
_cell.angle_beta   94.97
_cell.angle_gamma   90.00
#
_symmetry.space_group_name_H-M   'P 1 21 1'
#
loop_
_entity.id
_entity.type
_entity.pdbx_description
1 polymer 'Katanin p80 WD40 repeat-containing subunit B1'
2 polymer 'Katanin p60 ATPase-containing subunit A1'
3 polymer 'Calmodulin-regulated spectrin-associated protein'
4 non-polymer 1,2-ETHANEDIOL
5 non-polymer DI(HYDROXYETHYL)ETHER
6 water water
#
loop_
_entity_poly.entity_id
_entity_poly.type
_entity_poly.pdbx_seq_one_letter_code
_entity_poly.pdbx_strand_id
1 'polypeptide(L)'
;MGSSHHHHHHSSGLVPRGSHMASMTGGQQMGRGSQQAELVDEDAMSQIRKGHDTMFVVLTSRHKNLDTVRAVWTTGDIKT
SVDSAVAINDLSVVVDLLNIVNQKASLWKLDLCTTVLPQIEKLLQSKYESYVQTGCTSLKLILQRFLPLITDILAAPPSV
GVDISREERLHKCRLCFKQLKSISGLVKSKSGLSGRHGSAFRELHLLMASLD
;
A,C
2 'polypeptide(L)' MGMSLQMIVENVKLAREYALLGNYDSAMVYYQGVLDQMNKYLYSVKDTHLRQKWQQVWQEINVEAKQVKDIMKTLESFKL B,D
3 'polypeptide(L)' IEEALQIIHS E,F
#
loop_
_chem_comp.id
_chem_comp.type
_chem_comp.name
_chem_comp.formula
EDO non-polymer 1,2-ETHANEDIOL 'C2 H6 O2'
PEG non-polymer DI(HYDROXYETHYL)ETHER 'C4 H10 O3'
#
# COMPACT_ATOMS: atom_id res chain seq x y z
N LEU A 39 34.61 -12.11 7.81
CA LEU A 39 34.45 -12.09 6.35
C LEU A 39 35.58 -11.31 5.69
N VAL A 40 36.27 -11.97 4.72
CA VAL A 40 37.43 -11.40 4.01
C VAL A 40 36.95 -10.68 2.75
N ASP A 41 37.71 -9.67 2.31
CA ASP A 41 37.27 -8.87 1.17
C ASP A 41 37.03 -9.74 -0.07
N GLU A 42 37.98 -10.61 -0.40
CA GLU A 42 37.82 -11.40 -1.63
C GLU A 42 36.51 -12.19 -1.57
N ASP A 43 36.24 -12.83 -0.43
CA ASP A 43 35.03 -13.64 -0.30
C ASP A 43 33.77 -12.79 -0.44
N ALA A 44 33.77 -11.60 0.16
CA ALA A 44 32.61 -10.74 0.08
C ALA A 44 32.37 -10.29 -1.36
N MET A 45 33.42 -9.85 -2.05
CA MET A 45 33.31 -9.51 -3.45
C MET A 45 32.78 -10.68 -4.27
N SER A 46 33.33 -11.88 -4.04
CA SER A 46 32.88 -13.04 -4.77
C SER A 46 31.39 -13.30 -4.55
N GLN A 47 30.92 -13.17 -3.31
CA GLN A 47 29.51 -13.42 -3.01
C GLN A 47 28.61 -12.42 -3.73
N ILE A 48 29.02 -11.15 -3.75
CA ILE A 48 28.24 -10.10 -4.42
C ILE A 48 28.21 -10.31 -5.92
N ARG A 49 29.38 -10.60 -6.52
CA ARG A 49 29.47 -10.60 -7.97
C ARG A 49 28.76 -11.81 -8.57
N LYS A 50 28.61 -12.89 -7.81
CA LYS A 50 28.00 -14.10 -8.35
C LYS A 50 26.67 -13.81 -9.08
N GLY A 51 25.82 -12.98 -8.51
CA GLY A 51 24.50 -12.76 -9.08
C GLY A 51 24.39 -11.61 -10.03
N HIS A 52 25.51 -10.96 -10.35
CA HIS A 52 25.42 -9.73 -11.15
C HIS A 52 24.87 -9.99 -12.56
N ASP A 53 25.44 -10.96 -13.28
CA ASP A 53 24.96 -11.17 -14.64
C ASP A 53 23.49 -11.55 -14.67
N THR A 54 23.06 -12.39 -13.72
CA THR A 54 21.66 -12.71 -13.56
C THR A 54 20.82 -11.46 -13.41
N MET A 55 21.22 -10.56 -12.50
CA MET A 55 20.43 -9.36 -12.30
C MET A 55 20.43 -8.47 -13.55
N PHE A 56 21.58 -8.38 -14.25
CA PHE A 56 21.63 -7.53 -15.42
C PHE A 56 20.69 -8.08 -16.51
N VAL A 57 20.68 -9.40 -16.69
CA VAL A 57 19.85 -9.99 -17.73
C VAL A 57 18.39 -9.82 -17.38
N VAL A 58 18.02 -10.16 -16.16
CA VAL A 58 16.61 -10.08 -15.77
C VAL A 58 16.11 -8.65 -15.89
N LEU A 59 16.90 -7.69 -15.40
CA LEU A 59 16.45 -6.30 -15.35
C LEU A 59 16.41 -5.69 -16.74
N THR A 60 17.43 -5.97 -17.59
CA THR A 60 17.33 -5.42 -18.93
C THR A 60 16.18 -6.07 -19.70
N SER A 61 15.87 -7.34 -19.43
CA SER A 61 14.75 -7.96 -20.13
C SER A 61 13.43 -7.37 -19.67
N ARG A 62 13.31 -7.16 -18.37
CA ARG A 62 12.08 -6.55 -17.87
C ARG A 62 11.92 -5.13 -18.41
N HIS A 63 12.99 -4.35 -18.41
CA HIS A 63 12.94 -3.00 -19.00
C HIS A 63 12.47 -3.02 -20.45
N LYS A 64 13.07 -3.86 -21.27
CA LYS A 64 12.63 -3.95 -22.66
C LYS A 64 11.14 -4.28 -22.77
N ASN A 65 10.71 -5.30 -22.03
CA ASN A 65 9.33 -5.72 -22.07
C ASN A 65 8.39 -4.63 -21.62
N LEU A 66 8.79 -3.88 -20.59
CA LEU A 66 7.93 -2.79 -20.15
C LEU A 66 7.89 -1.67 -21.19
N ASP A 67 8.98 -1.46 -21.91
CA ASP A 67 8.96 -0.44 -22.97
C ASP A 67 8.03 -0.84 -24.10
N THR A 68 8.00 -2.13 -24.42
CA THR A 68 7.06 -2.66 -25.39
C THR A 68 5.63 -2.42 -24.95
N VAL A 69 5.33 -2.74 -23.71
CA VAL A 69 3.99 -2.49 -23.16
C VAL A 69 3.68 -1.01 -23.25
N ARG A 70 4.65 -0.17 -22.89
CA ARG A 70 4.43 1.27 -22.87
C ARG A 70 4.19 1.84 -24.25
N ALA A 71 4.73 1.21 -25.30
CA ALA A 71 4.59 1.77 -26.61
C ALA A 71 3.16 1.75 -27.12
N VAL A 72 2.30 0.92 -26.54
CA VAL A 72 0.90 0.86 -26.96
C VAL A 72 0.00 1.38 -25.85
N TRP A 73 0.56 2.11 -24.89
CA TRP A 73 -0.25 2.64 -23.79
C TRP A 73 -1.14 3.76 -24.22
N THR A 74 -2.40 3.68 -23.80
CA THR A 74 -3.29 4.84 -23.87
C THR A 74 -4.37 4.66 -22.80
N THR A 75 -4.63 5.70 -22.01
CA THR A 75 -5.72 5.60 -21.05
C THR A 75 -7.06 5.37 -21.75
N GLY A 76 -7.19 5.82 -23.01
CA GLY A 76 -8.40 5.55 -23.77
C GLY A 76 -8.70 4.08 -23.99
N ASP A 77 -7.69 3.22 -23.92
CA ASP A 77 -7.93 1.80 -24.01
C ASP A 77 -6.76 1.07 -23.39
N ILE A 78 -6.78 0.92 -22.06
CA ILE A 78 -5.66 0.27 -21.38
C ILE A 78 -5.59 -1.21 -21.70
N LYS A 79 -6.64 -1.81 -22.27
CA LYS A 79 -6.59 -3.22 -22.61
C LYS A 79 -5.46 -3.52 -23.59
N THR A 80 -5.13 -2.58 -24.46
CA THR A 80 -4.10 -2.85 -25.46
C THR A 80 -2.75 -3.14 -24.77
N SER A 81 -2.37 -2.34 -23.79
CA SER A 81 -1.13 -2.62 -23.06
C SER A 81 -1.24 -3.89 -22.25
N VAL A 82 -2.41 -4.12 -21.64
CA VAL A 82 -2.55 -5.34 -20.84
C VAL A 82 -2.40 -6.57 -21.75
N ASP A 83 -2.98 -6.51 -22.92
CA ASP A 83 -2.85 -7.59 -23.91
C ASP A 83 -1.40 -7.79 -24.31
N SER A 84 -0.65 -6.71 -24.56
CA SER A 84 0.74 -6.90 -24.91
CA SER A 84 0.75 -6.87 -24.90
C SER A 84 1.49 -7.58 -23.77
N ALA A 85 1.26 -7.15 -22.52
CA ALA A 85 1.89 -7.80 -21.37
C ALA A 85 1.56 -9.29 -21.32
N VAL A 86 0.30 -9.65 -21.59
CA VAL A 86 -0.07 -11.06 -21.53
C VAL A 86 0.63 -11.83 -22.65
N ALA A 87 0.76 -11.20 -23.82
CA ALA A 87 1.45 -11.85 -24.95
C ALA A 87 2.92 -12.08 -24.67
N ILE A 88 3.56 -11.18 -23.92
CA ILE A 88 4.98 -11.31 -23.63
C ILE A 88 5.20 -12.53 -22.74
N ASN A 89 4.20 -12.87 -21.96
CA ASN A 89 4.16 -14.11 -21.19
C ASN A 89 5.17 -14.13 -20.04
N ASP A 90 5.29 -12.98 -19.37
CA ASP A 90 6.18 -12.80 -18.23
C ASP A 90 5.33 -12.22 -17.10
N LEU A 91 5.10 -13.00 -16.06
CA LEU A 91 4.17 -12.56 -15.01
C LEU A 91 4.71 -11.31 -14.30
N SER A 92 6.01 -11.16 -14.23
CA SER A 92 6.56 -9.99 -13.57
C SER A 92 6.17 -8.71 -14.28
N VAL A 93 6.04 -8.75 -15.60
CA VAL A 93 5.61 -7.57 -16.34
C VAL A 93 4.14 -7.30 -16.13
N VAL A 94 3.31 -8.37 -16.08
CA VAL A 94 1.91 -8.20 -15.74
C VAL A 94 1.77 -7.56 -14.37
N VAL A 95 2.58 -8.00 -13.37
CA VAL A 95 2.47 -7.46 -12.01
C VAL A 95 2.76 -5.97 -12.02
N ASP A 96 3.80 -5.55 -12.73
CA ASP A 96 4.16 -4.14 -12.75
C ASP A 96 3.06 -3.34 -13.40
N LEU A 97 2.43 -3.88 -14.44
CA LEU A 97 1.38 -3.14 -15.14
C LEU A 97 0.11 -3.06 -14.28
N LEU A 98 -0.25 -4.16 -13.59
CA LEU A 98 -1.43 -4.12 -12.72
C LEU A 98 -1.22 -3.18 -11.55
N ASN A 99 0.01 -3.11 -11.02
CA ASN A 99 0.28 -2.16 -9.94
C ASN A 99 0.03 -0.73 -10.42
N ILE A 100 0.11 -0.48 -11.71
CA ILE A 100 -0.22 0.83 -12.25
C ILE A 100 -1.72 0.98 -12.44
N VAL A 101 -2.33 0.08 -13.21
CA VAL A 101 -3.71 0.31 -13.55
C VAL A 101 -4.66 0.05 -12.38
N ASN A 102 -4.23 -0.69 -11.36
CA ASN A 102 -5.04 -0.82 -10.17
C ASN A 102 -5.29 0.52 -9.49
N GLN A 103 -4.53 1.56 -9.85
CA GLN A 103 -4.69 2.86 -9.20
C GLN A 103 -5.83 3.70 -9.76
N LYS A 104 -6.45 3.31 -10.89
CA LYS A 104 -7.55 4.10 -11.46
C LYS A 104 -8.60 3.17 -12.07
N ALA A 105 -9.60 2.80 -11.26
CA ALA A 105 -10.59 1.82 -11.73
C ALA A 105 -11.43 2.35 -12.89
N SER A 106 -11.60 3.67 -13.01
CA SER A 106 -12.41 4.22 -14.09
C SER A 106 -11.85 3.84 -15.47
N LEU A 107 -10.57 3.47 -15.57
CA LEU A 107 -10.03 3.09 -16.86
C LEU A 107 -10.41 1.70 -17.30
N TRP A 108 -10.94 0.89 -16.38
CA TRP A 108 -11.28 -0.49 -16.70
C TRP A 108 -12.64 -0.63 -17.35
N LYS A 109 -12.70 -1.44 -18.40
CA LYS A 109 -13.92 -1.75 -19.13
C LYS A 109 -14.21 -3.24 -19.00
N LEU A 110 -15.48 -3.62 -19.25
CA LEU A 110 -15.87 -5.02 -19.08
C LEU A 110 -14.99 -5.96 -19.88
N ASP A 111 -14.67 -5.59 -21.12
CA ASP A 111 -13.87 -6.51 -21.94
C ASP A 111 -12.52 -6.79 -21.31
N LEU A 112 -12.00 -5.87 -20.47
CA LEU A 112 -10.70 -6.09 -19.90
C LEU A 112 -10.74 -7.20 -18.85
N CYS A 113 -11.91 -7.42 -18.27
CA CYS A 113 -12.02 -8.37 -17.18
C CYS A 113 -11.65 -9.78 -17.62
N THR A 114 -12.12 -10.22 -18.79
CA THR A 114 -11.86 -11.61 -19.18
C THR A 114 -10.39 -11.85 -19.52
N THR A 115 -9.62 -10.79 -19.77
CA THR A 115 -8.16 -10.86 -19.88
C THR A 115 -7.48 -10.87 -18.52
N VAL A 116 -7.96 -10.06 -17.56
CA VAL A 116 -7.25 -9.93 -16.31
C VAL A 116 -7.56 -11.08 -15.39
N LEU A 117 -8.76 -11.63 -15.44
CA LEU A 117 -9.11 -12.64 -14.44
C LEU A 117 -8.19 -13.83 -14.48
N PRO A 118 -7.81 -14.37 -15.66
CA PRO A 118 -6.84 -15.47 -15.69
C PRO A 118 -5.51 -15.12 -15.06
N GLN A 119 -5.05 -13.89 -15.22
CA GLN A 119 -3.85 -13.45 -14.54
C GLN A 119 -4.07 -13.35 -13.03
N ILE A 120 -5.21 -12.83 -12.59
CA ILE A 120 -5.50 -12.84 -11.18
C ILE A 120 -5.40 -14.25 -10.63
N GLU A 121 -5.94 -15.22 -11.37
CA GLU A 121 -5.91 -16.59 -10.89
C GLU A 121 -4.48 -17.04 -10.66
N LYS A 122 -3.56 -16.68 -11.56
CA LYS A 122 -2.17 -17.06 -11.37
C LYS A 122 -1.58 -16.36 -10.13
N LEU A 123 -1.82 -15.07 -10.03
CA LEU A 123 -1.27 -14.28 -8.93
C LEU A 123 -1.73 -14.78 -7.57
N LEU A 124 -3.02 -15.15 -7.43
CA LEU A 124 -3.49 -15.61 -6.11
C LEU A 124 -2.84 -16.92 -5.68
N GLN A 125 -2.22 -17.64 -6.60
CA GLN A 125 -1.52 -18.88 -6.28
C GLN A 125 -0.02 -18.70 -6.19
N SER A 126 0.47 -17.47 -6.36
CA SER A 126 1.91 -17.22 -6.30
C SER A 126 2.46 -17.48 -4.91
N LYS A 127 3.72 -17.88 -4.84
CA LYS A 127 4.29 -18.00 -3.52
C LYS A 127 4.86 -16.68 -3.02
N TYR A 128 4.80 -15.63 -3.85
CA TYR A 128 5.27 -14.31 -3.44
C TYR A 128 4.08 -13.52 -2.89
N GLU A 129 4.19 -13.10 -1.63
CA GLU A 129 3.10 -12.35 -0.99
C GLU A 129 2.69 -11.15 -1.83
N SER A 130 3.69 -10.44 -2.40
CA SER A 130 3.36 -9.22 -3.13
C SER A 130 2.61 -9.48 -4.42
N TYR A 131 2.88 -10.61 -5.07
CA TYR A 131 2.06 -10.99 -6.20
C TYR A 131 0.62 -11.27 -5.76
N VAL A 132 0.46 -12.04 -4.68
CA VAL A 132 -0.91 -12.33 -4.20
C VAL A 132 -1.64 -11.04 -3.90
N GLN A 133 -0.94 -10.07 -3.30
CA GLN A 133 -1.59 -8.83 -2.96
C GLN A 133 -2.00 -8.06 -4.22
N THR A 134 -1.15 -8.02 -5.25
CA THR A 134 -1.56 -7.36 -6.51
C THR A 134 -2.79 -8.04 -7.10
N GLY A 135 -2.79 -9.36 -7.06
CA GLY A 135 -3.93 -10.13 -7.55
C GLY A 135 -5.20 -9.83 -6.76
N CYS A 136 -5.09 -9.75 -5.44
CA CYS A 136 -6.22 -9.39 -4.59
C CYS A 136 -6.76 -8.00 -4.90
N THR A 137 -5.86 -7.02 -5.03
CA THR A 137 -6.25 -5.65 -5.34
C THR A 137 -7.03 -5.58 -6.66
N SER A 138 -6.54 -6.24 -7.71
CA SER A 138 -7.24 -6.25 -8.98
C SER A 138 -8.59 -6.92 -8.84
N LEU A 139 -8.67 -8.01 -8.09
CA LEU A 139 -9.92 -8.76 -8.04
C LEU A 139 -10.97 -7.96 -7.26
N LYS A 140 -10.53 -7.28 -6.21
CA LYS A 140 -11.47 -6.43 -5.50
C LYS A 140 -12.00 -5.33 -6.42
N LEU A 141 -11.10 -4.78 -7.23
CA LEU A 141 -11.48 -3.73 -8.18
C LEU A 141 -12.55 -4.24 -9.12
N ILE A 142 -12.28 -5.38 -9.73
CA ILE A 142 -13.26 -5.95 -10.66
C ILE A 142 -14.60 -6.18 -9.96
N LEU A 143 -14.59 -6.85 -8.82
CA LEU A 143 -15.82 -7.19 -8.11
C LEU A 143 -16.61 -5.93 -7.77
N GLN A 144 -15.94 -4.92 -7.24
CA GLN A 144 -16.69 -3.74 -6.81
C GLN A 144 -17.17 -2.95 -8.02
N ARG A 145 -16.42 -2.96 -9.12
CA ARG A 145 -16.82 -2.17 -10.26
C ARG A 145 -17.83 -2.88 -11.16
N PHE A 146 -17.73 -4.20 -11.31
CA PHE A 146 -18.45 -4.92 -12.34
C PHE A 146 -19.42 -5.98 -11.87
N LEU A 147 -19.35 -6.47 -10.63
CA LEU A 147 -20.21 -7.62 -10.32
C LEU A 147 -21.68 -7.26 -10.42
N PRO A 148 -22.14 -6.11 -9.97
CA PRO A 148 -23.57 -5.80 -10.17
C PRO A 148 -23.97 -5.75 -11.64
N LEU A 149 -23.15 -5.14 -12.49
CA LEU A 149 -23.47 -5.07 -13.92
C LEU A 149 -23.50 -6.46 -14.55
N ILE A 150 -22.50 -7.29 -14.25
CA ILE A 150 -22.49 -8.66 -14.75
C ILE A 150 -23.74 -9.38 -14.30
N THR A 151 -24.09 -9.21 -13.01
CA THR A 151 -25.27 -9.89 -12.48
C THR A 151 -26.52 -9.42 -13.17
N ASP A 152 -26.65 -8.10 -13.39
CA ASP A 152 -27.82 -7.57 -14.07
C ASP A 152 -27.94 -8.10 -15.48
N ILE A 153 -26.84 -8.08 -16.23
CA ILE A 153 -26.90 -8.52 -17.63
C ILE A 153 -27.29 -9.98 -17.70
N LEU A 154 -26.71 -10.81 -16.84
CA LEU A 154 -27.00 -12.24 -16.89
C LEU A 154 -28.42 -12.53 -16.45
N ALA A 155 -28.99 -11.72 -15.54
CA ALA A 155 -30.35 -11.90 -15.05
C ALA A 155 -31.40 -11.39 -16.03
N ALA A 156 -31.03 -10.53 -16.96
CA ALA A 156 -32.00 -9.82 -17.78
C ALA A 156 -32.88 -10.80 -18.54
N PRO A 157 -34.12 -10.41 -18.86
CA PRO A 157 -34.91 -11.19 -19.79
C PRO A 157 -34.23 -11.21 -21.14
N PRO A 158 -34.39 -12.28 -21.92
CA PRO A 158 -33.79 -12.30 -23.25
C PRO A 158 -34.36 -11.18 -24.10
N SER A 159 -33.51 -10.64 -24.96
CA SER A 159 -33.88 -9.49 -25.79
C SER A 159 -34.40 -9.92 -27.15
N ASP A 163 -28.54 -7.96 -32.27
CA ASP A 163 -27.59 -6.95 -31.82
C ASP A 163 -26.25 -7.60 -31.49
N ILE A 164 -25.31 -7.54 -32.43
CA ILE A 164 -24.05 -8.26 -32.24
C ILE A 164 -23.31 -7.74 -31.01
N SER A 165 -23.19 -6.42 -30.87
CA SER A 165 -22.46 -5.84 -29.76
C SER A 165 -23.01 -6.32 -28.43
N ARG A 166 -24.33 -6.26 -28.27
CA ARG A 166 -24.96 -6.71 -27.05
C ARG A 166 -24.71 -8.20 -26.81
N GLU A 167 -24.77 -9.00 -27.87
CA GLU A 167 -24.56 -10.44 -27.72
C GLU A 167 -23.09 -10.72 -27.38
N GLU A 168 -22.15 -9.97 -27.96
CA GLU A 168 -20.76 -10.10 -27.54
C GLU A 168 -20.59 -9.74 -26.07
N ARG A 169 -21.25 -8.67 -25.62
CA ARG A 169 -21.17 -8.30 -24.22
C ARG A 169 -21.76 -9.39 -23.33
N LEU A 170 -22.87 -9.99 -23.75
CA LEU A 170 -23.47 -11.03 -22.93
C LEU A 170 -22.51 -12.21 -22.76
N HIS A 171 -21.83 -12.60 -23.84
CA HIS A 171 -20.87 -13.72 -23.78
C HIS A 171 -19.66 -13.34 -22.95
N LYS A 172 -19.22 -12.09 -23.03
CA LYS A 172 -18.21 -11.59 -22.10
C LYS A 172 -18.66 -11.73 -20.65
N CYS A 173 -19.93 -11.38 -20.37
CA CYS A 173 -20.41 -11.49 -19.00
C CYS A 173 -20.46 -12.94 -18.56
N ARG A 174 -20.88 -13.84 -19.45
N ARG A 174 -20.90 -13.84 -19.46
CA ARG A 174 -20.92 -15.25 -19.07
CA ARG A 174 -20.93 -15.25 -19.12
C ARG A 174 -19.51 -15.74 -18.77
C ARG A 174 -19.53 -15.77 -18.82
N LEU A 175 -18.53 -15.31 -19.57
CA LEU A 175 -17.14 -15.73 -19.31
C LEU A 175 -16.65 -15.16 -17.98
N CYS A 176 -16.89 -13.88 -17.73
CA CYS A 176 -16.52 -13.31 -16.43
C CYS A 176 -17.07 -14.14 -15.27
N PHE A 177 -18.38 -14.44 -15.33
CA PHE A 177 -19.01 -15.23 -14.29
C PHE A 177 -18.34 -16.56 -14.12
N LYS A 178 -18.07 -17.28 -15.23
CA LYS A 178 -17.34 -18.53 -15.16
C LYS A 178 -15.99 -18.35 -14.48
N GLN A 179 -15.26 -17.32 -14.86
CA GLN A 179 -13.96 -17.08 -14.28
C GLN A 179 -14.05 -16.69 -12.80
N LEU A 180 -15.01 -15.85 -12.47
CA LEU A 180 -15.22 -15.46 -11.07
C LEU A 180 -15.66 -16.65 -10.23
N LYS A 181 -16.50 -17.51 -10.79
CA LYS A 181 -16.93 -18.70 -10.03
C LYS A 181 -15.73 -19.58 -9.75
N SER A 182 -14.81 -19.73 -10.71
CA SER A 182 -13.62 -20.54 -10.49
C SER A 182 -12.71 -19.89 -9.45
N ILE A 183 -12.53 -18.58 -9.53
CA ILE A 183 -11.70 -17.87 -8.56
C ILE A 183 -12.29 -17.91 -7.16
N SER A 184 -13.63 -17.88 -7.04
CA SER A 184 -14.27 -17.91 -5.73
C SER A 184 -13.89 -19.16 -4.93
N GLY A 185 -13.70 -20.31 -5.58
CA GLY A 185 -13.32 -21.50 -4.83
C GLY A 185 -11.93 -21.37 -4.24
N LEU A 186 -11.01 -20.78 -5.01
CA LEU A 186 -9.67 -20.49 -4.53
C LEU A 186 -9.75 -19.53 -3.36
N VAL A 187 -10.58 -18.51 -3.50
CA VAL A 187 -10.74 -17.51 -2.44
C VAL A 187 -11.32 -18.13 -1.19
N LYS A 188 -12.33 -19.01 -1.32
CA LYS A 188 -12.91 -19.65 -0.16
C LYS A 188 -11.90 -20.52 0.56
N SER A 189 -10.98 -21.15 -0.18
N SER A 189 -10.97 -21.15 -0.18
CA SER A 189 -9.95 -21.99 0.43
CA SER A 189 -9.96 -22.00 0.43
C SER A 189 -8.89 -21.21 1.16
C SER A 189 -8.93 -21.20 1.21
N LYS A 190 -8.82 -19.89 0.96
CA LYS A 190 -7.82 -19.06 1.63
C LYS A 190 -8.41 -18.06 2.62
N SER A 191 -9.74 -17.94 2.67
CA SER A 191 -10.37 -16.94 3.56
C SER A 191 -10.22 -17.25 5.03
N GLY A 192 -10.01 -18.50 5.39
CA GLY A 192 -9.83 -18.86 6.78
C GLY A 192 -8.40 -18.80 7.28
N LEU A 193 -7.43 -18.52 6.41
CA LEU A 193 -6.02 -18.54 6.82
C LEU A 193 -5.71 -17.52 7.92
N SER A 194 -6.43 -16.39 7.94
CA SER A 194 -6.19 -15.36 8.94
C SER A 194 -6.88 -15.62 10.27
N GLY A 195 -7.66 -16.69 10.38
CA GLY A 195 -8.30 -17.00 11.64
C GLY A 195 -9.33 -15.93 11.99
N ARG A 196 -9.28 -15.51 13.26
CA ARG A 196 -10.16 -14.47 13.78
C ARG A 196 -9.88 -13.11 13.18
N HIS A 197 -8.74 -12.94 12.52
CA HIS A 197 -8.32 -11.64 12.03
C HIS A 197 -8.85 -11.37 10.64
N GLY A 198 -8.77 -10.10 10.24
CA GLY A 198 -9.11 -9.76 8.87
C GLY A 198 -8.04 -10.16 7.89
N SER A 199 -8.42 -10.27 6.61
CA SER A 199 -7.44 -10.45 5.55
C SER A 199 -8.09 -10.10 4.23
N ALA A 200 -7.24 -9.86 3.21
CA ALA A 200 -7.75 -9.51 1.91
C ALA A 200 -8.60 -10.66 1.37
N PHE A 201 -8.30 -11.89 1.76
CA PHE A 201 -9.11 -13.00 1.26
C PHE A 201 -10.46 -13.10 1.96
N ARG A 202 -10.56 -12.69 3.23
CA ARG A 202 -11.87 -12.56 3.86
C ARG A 202 -12.71 -11.53 3.13
N GLU A 203 -12.13 -10.36 2.83
CA GLU A 203 -12.86 -9.35 2.08
C GLU A 203 -13.38 -9.90 0.77
N LEU A 204 -12.52 -10.56 0.01
CA LEU A 204 -12.95 -11.07 -1.27
C LEU A 204 -14.04 -12.11 -1.13
N HIS A 205 -13.94 -12.99 -0.15
CA HIS A 205 -14.98 -13.98 0.05
C HIS A 205 -16.32 -13.30 0.30
N LEU A 206 -16.33 -12.21 1.10
CA LEU A 206 -17.57 -11.51 1.33
C LEU A 206 -18.05 -10.81 0.07
N LEU A 207 -17.12 -10.22 -0.70
CA LEU A 207 -17.48 -9.55 -1.94
C LEU A 207 -18.01 -10.55 -2.94
N MET A 208 -17.65 -11.84 -2.79
CA MET A 208 -18.09 -12.86 -3.73
C MET A 208 -19.24 -13.70 -3.20
N ALA A 209 -19.92 -13.23 -2.13
CA ALA A 209 -20.93 -14.04 -1.47
C ALA A 209 -22.05 -14.48 -2.41
N SER A 210 -22.41 -13.61 -3.38
CA SER A 210 -23.48 -13.94 -4.31
C SER A 210 -23.12 -15.12 -5.22
N LEU A 211 -21.84 -15.44 -5.34
CA LEU A 211 -21.40 -16.56 -6.19
C LEU A 211 -21.24 -17.84 -5.35
N SER B 4 30.93 -3.18 8.14
CA SER B 4 30.74 -4.63 8.13
C SER B 4 30.56 -5.17 6.72
N LEU B 5 31.54 -5.93 6.23
CA LEU B 5 31.41 -6.48 4.89
C LEU B 5 30.17 -7.38 4.80
N GLN B 6 29.87 -8.14 5.86
CA GLN B 6 28.69 -9.00 5.83
C GLN B 6 27.44 -8.16 5.63
N MET B 7 27.39 -6.98 6.25
CA MET B 7 26.25 -6.09 6.07
C MET B 7 26.14 -5.62 4.63
N ILE B 8 27.28 -5.34 3.99
CA ILE B 8 27.24 -4.94 2.58
C ILE B 8 26.69 -6.06 1.72
N VAL B 9 27.13 -7.29 1.98
CA VAL B 9 26.65 -8.44 1.20
C VAL B 9 25.16 -8.60 1.39
N GLU B 10 24.69 -8.44 2.64
CA GLU B 10 23.27 -8.57 2.95
C GLU B 10 22.45 -7.50 2.26
N ASN B 11 22.93 -6.26 2.23
CA ASN B 11 22.17 -5.18 1.60
C ASN B 11 22.11 -5.30 0.09
N VAL B 12 23.17 -5.81 -0.55
CA VAL B 12 23.11 -6.14 -1.97
C VAL B 12 22.05 -7.18 -2.21
N LYS B 13 22.03 -8.23 -1.39
CA LYS B 13 21.02 -9.27 -1.56
C LYS B 13 19.61 -8.72 -1.45
N LEU B 14 19.36 -7.85 -0.47
CA LEU B 14 18.02 -7.29 -0.28
C LEU B 14 17.65 -6.38 -1.45
N ALA B 15 18.60 -5.56 -1.90
CA ALA B 15 18.32 -4.68 -3.04
C ALA B 15 17.88 -5.52 -4.23
N ARG B 16 18.62 -6.60 -4.48
CA ARG B 16 18.31 -7.43 -5.64
C ARG B 16 16.96 -8.15 -5.48
N GLU B 17 16.70 -8.75 -4.32
CA GLU B 17 15.39 -9.39 -4.09
C GLU B 17 14.24 -8.43 -4.30
N TYR B 18 14.32 -7.23 -3.70
CA TYR B 18 13.26 -6.25 -3.89
C TYR B 18 13.10 -5.88 -5.38
N ALA B 19 14.22 -5.72 -6.11
CA ALA B 19 14.12 -5.43 -7.53
C ALA B 19 13.48 -6.60 -8.29
N LEU B 20 13.85 -7.84 -7.93
CA LEU B 20 13.29 -9.01 -8.62
C LEU B 20 11.81 -9.06 -8.40
N LEU B 21 11.37 -8.64 -7.22
CA LEU B 21 9.96 -8.69 -6.87
C LEU B 21 9.16 -7.50 -7.34
N GLY B 22 9.78 -6.54 -8.01
CA GLY B 22 9.05 -5.38 -8.48
C GLY B 22 8.82 -4.31 -7.43
N ASN B 23 9.50 -4.38 -6.30
CA ASN B 23 9.41 -3.34 -5.26
C ASN B 23 10.59 -2.40 -5.49
N TYR B 24 10.45 -1.57 -6.51
CA TYR B 24 11.58 -0.78 -6.96
C TYR B 24 11.90 0.34 -6.00
N ASP B 25 10.89 0.88 -5.33
CA ASP B 25 11.18 1.90 -4.34
C ASP B 25 12.14 1.40 -3.28
N SER B 26 11.84 0.25 -2.69
CA SER B 26 12.70 -0.33 -1.67
C SER B 26 14.03 -0.76 -2.25
N ALA B 27 13.99 -1.34 -3.45
CA ALA B 27 15.25 -1.72 -4.09
C ALA B 27 16.22 -0.54 -4.15
N MET B 28 15.72 0.63 -4.57
CA MET B 28 16.58 1.80 -4.70
C MET B 28 17.13 2.28 -3.35
N VAL B 29 16.37 2.11 -2.25
CA VAL B 29 16.90 2.45 -0.92
C VAL B 29 18.12 1.59 -0.63
N TYR B 30 18.00 0.28 -0.85
CA TYR B 30 19.10 -0.61 -0.56
C TYR B 30 20.23 -0.44 -1.55
N TYR B 31 19.93 -0.23 -2.84
CA TYR B 31 20.99 -0.02 -3.82
C TYR B 31 21.78 1.25 -3.51
N GLN B 32 21.10 2.37 -3.25
N GLN B 32 21.10 2.37 -3.28
CA GLN B 32 21.83 3.61 -2.97
CA GLN B 32 21.84 3.59 -2.97
C GLN B 32 22.54 3.53 -1.62
C GLN B 32 22.58 3.47 -1.65
N GLY B 33 21.91 2.88 -0.64
CA GLY B 33 22.56 2.69 0.64
C GLY B 33 23.82 1.85 0.54
N VAL B 34 23.77 0.75 -0.22
CA VAL B 34 24.95 -0.09 -0.27
C VAL B 34 26.02 0.50 -1.19
N LEU B 35 25.64 1.24 -2.24
CA LEU B 35 26.66 1.96 -3.02
C LEU B 35 27.40 2.95 -2.14
N ASP B 36 26.66 3.61 -1.25
CA ASP B 36 27.31 4.54 -0.34
C ASP B 36 28.18 3.81 0.68
N GLN B 37 27.67 2.69 1.21
CA GLN B 37 28.45 1.88 2.14
C GLN B 37 29.74 1.43 1.49
N MET B 38 29.66 0.91 0.25
CA MET B 38 30.86 0.43 -0.42
C MET B 38 31.84 1.56 -0.68
N ASN B 39 31.35 2.70 -1.15
CA ASN B 39 32.26 3.79 -1.47
C ASN B 39 33.02 4.22 -0.23
N LYS B 40 32.30 4.40 0.89
CA LYS B 40 32.93 4.75 2.16
C LYS B 40 33.98 3.71 2.56
N TYR B 41 33.63 2.43 2.42
CA TYR B 41 34.57 1.36 2.75
C TYR B 41 35.76 1.36 1.80
N LEU B 42 35.48 1.46 0.48
CA LEU B 42 36.51 1.48 -0.55
C LEU B 42 37.69 2.33 -0.14
N TYR B 43 37.42 3.55 0.28
CA TYR B 43 38.49 4.51 0.52
C TYR B 43 39.17 4.32 1.86
N SER B 44 38.66 3.44 2.72
CA SER B 44 39.42 2.98 3.88
C SER B 44 40.42 1.89 3.49
N VAL B 45 40.43 1.48 2.24
CA VAL B 45 41.31 0.41 1.79
C VAL B 45 42.58 1.02 1.21
N LYS B 46 43.73 0.55 1.68
CA LYS B 46 44.99 1.15 1.30
C LYS B 46 45.64 0.46 0.12
N ASP B 47 45.42 -0.85 -0.05
CA ASP B 47 46.01 -1.59 -1.17
C ASP B 47 45.35 -1.13 -2.46
N THR B 48 46.16 -0.69 -3.42
CA THR B 48 45.60 -0.09 -4.62
C THR B 48 44.75 -1.08 -5.41
N HIS B 49 45.26 -2.30 -5.62
CA HIS B 49 44.50 -3.24 -6.44
C HIS B 49 43.21 -3.66 -5.73
N LEU B 50 43.24 -3.84 -4.41
CA LEU B 50 42.00 -4.18 -3.69
C LEU B 50 40.97 -3.07 -3.83
N ARG B 51 41.39 -1.82 -3.76
CA ARG B 51 40.48 -0.72 -4.03
C ARG B 51 39.93 -0.77 -5.45
N GLN B 52 40.77 -1.09 -6.43
CA GLN B 52 40.29 -1.22 -7.80
C GLN B 52 39.26 -2.34 -7.92
N LYS B 53 39.48 -3.43 -7.20
CA LYS B 53 38.54 -4.54 -7.24
C LYS B 53 37.22 -4.15 -6.61
N TRP B 54 37.25 -3.40 -5.50
CA TRP B 54 36.00 -2.98 -4.92
C TRP B 54 35.29 -1.99 -5.82
N GLN B 55 36.04 -1.13 -6.50
CA GLN B 55 35.45 -0.18 -7.44
C GLN B 55 34.77 -0.88 -8.59
N GLN B 56 35.37 -1.99 -9.06
CA GLN B 56 34.70 -2.81 -10.06
C GLN B 56 33.35 -3.30 -9.54
N VAL B 57 33.33 -3.87 -8.34
CA VAL B 57 32.06 -4.31 -7.75
C VAL B 57 31.07 -3.14 -7.66
N TRP B 58 31.54 -2.00 -7.17
CA TRP B 58 30.67 -0.83 -7.06
C TRP B 58 30.06 -0.48 -8.41
N GLN B 59 30.85 -0.58 -9.49
CA GLN B 59 30.36 -0.24 -10.81
C GLN B 59 29.29 -1.23 -11.27
N GLU B 60 29.46 -2.49 -10.89
CA GLU B 60 28.47 -3.50 -11.27
C GLU B 60 27.16 -3.24 -10.54
N ILE B 61 27.25 -3.01 -9.23
CA ILE B 61 26.04 -2.66 -8.49
C ILE B 61 25.39 -1.41 -9.07
N ASN B 62 26.20 -0.40 -9.38
CA ASN B 62 25.68 0.82 -9.99
C ASN B 62 24.93 0.54 -11.29
N VAL B 63 25.45 -0.37 -12.12
CA VAL B 63 24.74 -0.78 -13.33
C VAL B 63 23.34 -1.30 -13.01
N GLU B 64 23.25 -2.20 -12.02
CA GLU B 64 21.95 -2.74 -11.62
C GLU B 64 21.03 -1.64 -11.13
N ALA B 65 21.55 -0.75 -10.30
CA ALA B 65 20.74 0.30 -9.75
C ALA B 65 20.25 1.23 -10.85
N LYS B 66 21.10 1.48 -11.85
CA LYS B 66 20.70 2.33 -12.97
C LYS B 66 19.61 1.66 -13.79
N GLN B 67 19.67 0.32 -13.93
CA GLN B 67 18.59 -0.40 -14.57
C GLN B 67 17.28 -0.25 -13.80
N VAL B 68 17.34 -0.33 -12.48
CA VAL B 68 16.13 -0.11 -11.67
C VAL B 68 15.61 1.30 -11.89
N LYS B 69 16.50 2.28 -11.87
CA LYS B 69 16.07 3.66 -12.09
C LYS B 69 15.40 3.82 -13.46
N ASP B 70 15.94 3.17 -14.50
CA ASP B 70 15.30 3.26 -15.81
C ASP B 70 13.92 2.63 -15.82
N ILE B 71 13.75 1.48 -15.14
CA ILE B 71 12.46 0.81 -15.05
C ILE B 71 11.46 1.71 -14.35
N MET B 72 11.91 2.40 -13.30
CA MET B 72 11.01 3.29 -12.58
C MET B 72 10.62 4.46 -13.45
N LYS B 73 11.55 4.97 -14.27
CA LYS B 73 11.21 6.09 -15.15
C LYS B 73 10.17 5.66 -16.18
N THR B 74 10.33 4.47 -16.75
CA THR B 74 9.31 3.96 -17.65
C THR B 74 7.96 3.81 -16.95
N LEU B 75 7.94 3.18 -15.77
CA LEU B 75 6.68 2.99 -15.06
C LEU B 75 6.05 4.33 -14.72
N GLU B 76 6.86 5.31 -14.33
CA GLU B 76 6.30 6.61 -14.03
C GLU B 76 5.68 7.26 -15.28
N SER B 77 6.18 6.90 -16.46
CA SER B 77 5.67 7.51 -17.69
C SER B 77 4.27 7.04 -18.08
N PHE B 78 3.71 6.06 -17.38
CA PHE B 78 2.34 5.59 -17.59
C PHE B 78 1.43 6.58 -16.86
N LYS B 79 0.98 7.62 -17.55
CA LYS B 79 0.11 8.61 -16.93
C LYS B 79 -1.35 8.16 -16.98
N LEU B 80 -2.10 8.46 -15.92
CA LEU B 80 -3.46 7.94 -15.79
C LEU B 80 -4.59 8.96 -16.02
N VAL C 40 -27.95 -18.48 19.89
CA VAL C 40 -29.28 -17.89 20.06
C VAL C 40 -29.23 -16.43 19.62
N ASP C 41 -30.30 -15.99 18.95
CA ASP C 41 -30.31 -14.65 18.38
C ASP C 41 -30.11 -13.60 19.47
N GLU C 42 -30.80 -13.75 20.59
CA GLU C 42 -30.74 -12.76 21.67
C GLU C 42 -29.31 -12.44 22.06
N ASP C 43 -28.49 -13.45 22.29
CA ASP C 43 -27.11 -13.18 22.69
C ASP C 43 -26.33 -12.51 21.56
N ALA C 44 -26.56 -12.93 20.32
CA ALA C 44 -25.84 -12.34 19.19
C ALA C 44 -26.18 -10.86 19.06
N MET C 45 -27.47 -10.54 19.11
CA MET C 45 -27.89 -9.15 19.11
C MET C 45 -27.23 -8.39 20.25
N SER C 46 -27.17 -8.99 21.44
CA SER C 46 -26.57 -8.34 22.60
C SER C 46 -25.12 -7.95 22.34
N GLN C 47 -24.34 -8.86 21.76
CA GLN C 47 -22.93 -8.59 21.52
C GLN C 47 -22.73 -7.49 20.50
N ILE C 48 -23.49 -7.52 19.41
CA ILE C 48 -23.37 -6.51 18.36
C ILE C 48 -23.69 -5.13 18.92
N ARG C 49 -24.77 -5.02 19.70
CA ARG C 49 -25.24 -3.71 20.09
C ARG C 49 -24.38 -3.05 21.15
N LYS C 50 -23.64 -3.83 21.94
CA LYS C 50 -22.87 -3.25 23.03
C LYS C 50 -22.01 -2.08 22.56
N GLY C 51 -21.40 -2.22 21.39
CA GLY C 51 -20.49 -1.23 20.88
C GLY C 51 -21.09 -0.19 19.95
N HIS C 52 -22.41 -0.19 19.76
CA HIS C 52 -22.98 0.71 18.75
C HIS C 52 -22.82 2.18 19.15
N ASP C 53 -23.22 2.54 20.38
CA ASP C 53 -23.13 3.95 20.76
C ASP C 53 -21.69 4.45 20.75
N THR C 54 -20.75 3.62 21.21
CA THR C 54 -19.33 3.95 21.10
C THR C 54 -18.95 4.24 19.64
N MET C 55 -19.32 3.35 18.71
CA MET C 55 -18.96 3.59 17.32
C MET C 55 -19.61 4.85 16.79
N PHE C 56 -20.87 5.11 17.15
CA PHE C 56 -21.55 6.30 16.64
C PHE C 56 -20.89 7.57 17.16
N VAL C 57 -20.49 7.56 18.44
CA VAL C 57 -19.83 8.73 19.02
C VAL C 57 -18.48 8.97 18.34
N VAL C 58 -17.66 7.91 18.24
CA VAL C 58 -16.33 8.05 17.69
C VAL C 58 -16.38 8.49 16.23
N LEU C 59 -17.26 7.87 15.43
CA LEU C 59 -17.29 8.21 14.01
C LEU C 59 -17.84 9.62 13.79
N THR C 60 -18.91 9.98 14.49
N THR C 60 -18.90 10.00 14.51
CA THR C 60 -19.40 11.35 14.33
CA THR C 60 -19.41 11.35 14.34
C THR C 60 -18.33 12.35 14.73
C THR C 60 -18.39 12.39 14.77
N SER C 61 -17.64 12.11 15.85
CA SER C 61 -16.64 13.07 16.31
C SER C 61 -15.51 13.18 15.30
N ARG C 62 -15.08 12.06 14.76
CA ARG C 62 -14.04 12.11 13.75
C ARG C 62 -14.53 12.86 12.53
N HIS C 63 -15.76 12.58 12.10
CA HIS C 63 -16.31 13.29 10.95
C HIS C 63 -16.29 14.78 11.21
N LYS C 64 -16.79 15.19 12.39
CA LYS C 64 -16.78 16.60 12.76
C LYS C 64 -15.37 17.18 12.73
N ASN C 65 -14.41 16.46 13.30
CA ASN C 65 -13.03 16.95 13.30
C ASN C 65 -12.48 17.01 11.89
N LEU C 66 -12.78 16.02 11.05
CA LEU C 66 -12.29 16.08 9.68
C LEU C 66 -12.95 17.22 8.92
N ASP C 67 -14.22 17.52 9.21
CA ASP C 67 -14.88 18.67 8.58
C ASP C 67 -14.17 19.96 8.97
N THR C 68 -13.81 20.07 10.25
CA THR C 68 -13.05 21.23 10.72
C THR C 68 -11.73 21.35 9.96
N VAL C 69 -11.00 20.25 9.84
CA VAL C 69 -9.73 20.29 9.10
C VAL C 69 -9.97 20.65 7.63
N ARG C 70 -10.97 20.04 7.01
CA ARG C 70 -11.23 20.30 5.60
C ARG C 70 -11.60 21.76 5.36
N ALA C 71 -12.17 22.42 6.37
CA ALA C 71 -12.66 23.77 6.18
C ALA C 71 -11.56 24.78 5.88
N VAL C 72 -10.31 24.46 6.23
CA VAL C 72 -9.17 25.31 5.93
C VAL C 72 -8.17 24.60 5.01
N TRP C 73 -8.63 23.55 4.32
CA TRP C 73 -7.77 22.83 3.40
C TRP C 73 -7.53 23.66 2.15
N THR C 74 -6.27 23.72 1.72
CA THR C 74 -5.93 24.26 0.42
C THR C 74 -4.68 23.54 -0.07
N THR C 75 -4.68 23.15 -1.35
CA THR C 75 -3.49 22.57 -1.94
C THR C 75 -2.31 23.55 -1.95
N GLY C 76 -2.59 24.85 -2.04
CA GLY C 76 -1.50 25.82 -2.02
C GLY C 76 -0.69 25.80 -0.75
N ASP C 77 -1.32 25.45 0.38
CA ASP C 77 -0.61 25.37 1.65
C ASP C 77 -1.37 24.37 2.55
N ILE C 78 -0.99 23.10 2.45
CA ILE C 78 -1.61 22.08 3.29
C ILE C 78 -1.21 22.17 4.76
N LYS C 79 -0.16 22.94 5.09
CA LYS C 79 0.24 23.04 6.49
C LYS C 79 -0.91 23.53 7.37
N THR C 80 -1.77 24.38 6.83
CA THR C 80 -2.86 24.93 7.62
C THR C 80 -3.75 23.80 8.16
N SER C 81 -4.12 22.84 7.29
CA SER C 81 -4.96 21.72 7.71
C SER C 81 -4.20 20.76 8.62
N VAL C 82 -2.93 20.53 8.35
CA VAL C 82 -2.16 19.69 9.25
C VAL C 82 -2.05 20.34 10.63
N ASP C 83 -1.85 21.66 10.67
CA ASP C 83 -1.83 22.36 11.95
C ASP C 83 -3.17 22.21 12.66
N SER C 84 -4.27 22.29 11.91
CA SER C 84 -5.59 22.10 12.51
C SER C 84 -5.71 20.69 13.07
N ALA C 85 -5.36 19.69 12.27
CA ALA C 85 -5.32 18.33 12.79
C ALA C 85 -4.52 18.26 14.08
N VAL C 86 -3.36 18.91 14.10
CA VAL C 86 -2.51 18.85 15.28
C VAL C 86 -3.19 19.57 16.44
N ALA C 87 -3.84 20.71 16.16
CA ALA C 87 -4.53 21.46 17.21
C ALA C 87 -5.68 20.67 17.79
N ILE C 88 -6.38 19.89 16.94
CA ILE C 88 -7.51 19.10 17.41
C ILE C 88 -7.03 18.06 18.40
N ASN C 89 -5.76 17.66 18.31
CA ASN C 89 -5.13 16.78 19.30
C ASN C 89 -5.77 15.40 19.30
N ASP C 90 -6.06 14.89 18.10
CA ASP C 90 -6.64 13.55 17.91
C ASP C 90 -5.79 12.85 16.86
N LEU C 91 -5.03 11.85 17.28
CA LEU C 91 -4.08 11.23 16.38
C LEU C 91 -4.80 10.53 15.22
N SER C 92 -6.04 10.07 15.42
CA SER C 92 -6.77 9.40 14.34
C SER C 92 -7.06 10.37 13.21
N VAL C 93 -7.30 11.64 13.55
CA VAL C 93 -7.48 12.66 12.53
C VAL C 93 -6.16 12.92 11.81
N VAL C 94 -5.05 12.93 12.56
CA VAL C 94 -3.74 13.12 11.96
C VAL C 94 -3.49 12.01 10.96
N VAL C 95 -3.79 10.78 11.35
CA VAL C 95 -3.53 9.62 10.51
C VAL C 95 -4.30 9.71 9.21
N ASP C 96 -5.58 10.07 9.30
CA ASP C 96 -6.42 10.13 8.11
C ASP C 96 -5.90 11.21 7.16
N LEU C 97 -5.45 12.33 7.71
CA LEU C 97 -4.93 13.39 6.86
C LEU C 97 -3.60 13.00 6.23
N LEU C 98 -2.70 12.36 7.00
CA LEU C 98 -1.42 11.92 6.44
C LEU C 98 -1.63 10.86 5.37
N ASN C 99 -2.61 9.99 5.56
CA ASN C 99 -2.87 8.99 4.53
C ASN C 99 -3.32 9.64 3.23
N ILE C 100 -3.89 10.85 3.31
CA ILE C 100 -4.23 11.60 2.10
C ILE C 100 -3.00 12.33 1.55
N VAL C 101 -2.33 13.12 2.40
CA VAL C 101 -1.24 13.95 1.90
C VAL C 101 0.02 13.12 1.60
N ASN C 102 0.15 11.93 2.19
CA ASN C 102 1.24 11.05 1.79
C ASN C 102 1.14 10.63 0.34
N GLN C 103 0.00 10.83 -0.32
CA GLN C 103 -0.15 10.47 -1.71
C GLN C 103 0.31 11.56 -2.66
N LYS C 104 0.66 12.76 -2.16
CA LYS C 104 1.09 13.84 -3.06
C LYS C 104 2.24 14.58 -2.40
N ALA C 105 3.46 14.09 -2.64
CA ALA C 105 4.62 14.68 -1.98
C ALA C 105 4.89 16.10 -2.43
N SER C 106 4.49 16.44 -3.66
CA SER C 106 4.79 17.77 -4.19
C SER C 106 4.23 18.87 -3.30
N LEU C 107 3.15 18.60 -2.57
CA LEU C 107 2.49 19.62 -1.78
C LEU C 107 3.24 19.95 -0.49
N TRP C 108 4.19 19.12 -0.09
CA TRP C 108 4.89 19.37 1.15
C TRP C 108 5.99 20.41 0.94
N LYS C 109 6.11 21.33 1.90
CA LYS C 109 7.23 22.25 1.95
C LYS C 109 8.04 22.00 3.21
N LEU C 110 9.28 22.50 3.21
CA LEU C 110 10.14 22.28 4.37
C LEU C 110 9.47 22.72 5.65
N ASP C 111 8.71 23.82 5.61
CA ASP C 111 8.08 24.32 6.81
C ASP C 111 7.16 23.28 7.44
N LEU C 112 6.60 22.38 6.64
CA LEU C 112 5.66 21.37 7.13
C LEU C 112 6.37 20.29 7.94
N CYS C 113 7.68 20.08 7.71
CA CYS C 113 8.39 18.96 8.30
C CYS C 113 8.41 19.04 9.82
N THR C 114 8.69 20.23 10.37
CA THR C 114 8.76 20.36 11.82
C THR C 114 7.40 20.15 12.46
N THR C 115 6.33 20.22 11.65
CA THR C 115 5.02 19.86 12.16
C THR C 115 4.80 18.37 12.13
N VAL C 116 5.23 17.72 11.03
CA VAL C 116 4.91 16.32 10.84
C VAL C 116 5.86 15.42 11.62
N LEU C 117 7.12 15.81 11.75
CA LEU C 117 8.09 14.91 12.36
C LEU C 117 7.68 14.54 13.78
N PRO C 118 7.21 15.46 14.63
CA PRO C 118 6.70 15.03 15.93
C PRO C 118 5.55 14.03 15.84
N GLN C 119 4.65 14.21 14.87
CA GLN C 119 3.60 13.22 14.69
C GLN C 119 4.17 11.88 14.20
N ILE C 120 5.15 11.92 13.30
CA ILE C 120 5.79 10.67 12.88
C ILE C 120 6.34 9.93 14.10
N GLU C 121 6.98 10.66 15.02
CA GLU C 121 7.56 10.01 16.19
C GLU C 121 6.49 9.32 17.02
N LYS C 122 5.32 9.93 17.20
CA LYS C 122 4.24 9.24 17.89
C LYS C 122 3.80 8.00 17.10
N LEU C 123 3.61 8.16 15.81
CA LEU C 123 3.12 7.05 15.00
C LEU C 123 4.06 5.87 15.02
N LEU C 124 5.38 6.11 14.96
CA LEU C 124 6.29 4.97 14.92
C LEU C 124 6.27 4.20 16.25
N GLN C 125 5.74 4.79 17.32
CA GLN C 125 5.62 4.12 18.60
C GLN C 125 4.22 3.60 18.86
N SER C 126 3.32 3.73 17.90
CA SER C 126 1.96 3.25 18.07
C SER C 126 1.91 1.73 18.15
N LYS C 127 0.94 1.22 18.89
CA LYS C 127 0.70 -0.22 18.96
C LYS C 127 -0.13 -0.75 17.81
N TYR C 128 -0.59 0.11 16.90
CA TYR C 128 -1.35 -0.30 15.73
C TYR C 128 -0.44 -0.34 14.51
N GLU C 129 -0.36 -1.51 13.87
CA GLU C 129 0.50 -1.67 12.71
C GLU C 129 0.28 -0.59 11.66
N SER C 130 -0.99 -0.27 11.38
CA SER C 130 -1.30 0.69 10.32
C SER C 130 -0.90 2.12 10.72
N TYR C 131 -0.91 2.45 12.01
CA TYR C 131 -0.36 3.74 12.41
C TYR C 131 1.14 3.79 12.12
N VAL C 132 1.86 2.74 12.51
CA VAL C 132 3.30 2.69 12.24
C VAL C 132 3.56 2.80 10.75
N GLN C 133 2.78 2.09 9.93
CA GLN C 133 3.01 2.12 8.49
C GLN C 133 2.79 3.54 7.96
N THR C 134 1.74 4.21 8.43
CA THR C 134 1.52 5.60 8.02
C THR C 134 2.70 6.48 8.42
N GLY C 135 3.23 6.30 9.65
CA GLY C 135 4.38 7.08 10.07
C GLY C 135 5.61 6.78 9.25
N CYS C 136 5.84 5.50 8.94
CA CYS C 136 6.96 5.12 8.09
C CYS C 136 6.84 5.75 6.72
N THR C 137 5.66 5.66 6.11
CA THR C 137 5.43 6.28 4.81
C THR C 137 5.73 7.77 4.84
N SER C 138 5.25 8.49 5.86
CA SER C 138 5.50 9.92 5.93
C SER C 138 6.99 10.22 6.07
N LEU C 139 7.69 9.44 6.89
CA LEU C 139 9.10 9.69 7.13
C LEU C 139 9.91 9.42 5.87
N LYS C 140 9.61 8.34 5.17
CA LYS C 140 10.31 8.09 3.93
C LYS C 140 10.09 9.25 2.97
N LEU C 141 8.88 9.79 2.95
CA LEU C 141 8.61 10.92 2.08
C LEU C 141 9.48 12.12 2.47
N ILE C 142 9.49 12.47 3.75
CA ILE C 142 10.30 13.61 4.19
C ILE C 142 11.76 13.36 3.84
N LEU C 143 12.31 12.24 4.31
CA LEU C 143 13.73 11.97 4.13
C LEU C 143 14.13 12.05 2.66
N GLN C 144 13.32 11.47 1.78
CA GLN C 144 13.70 11.51 0.37
C GLN C 144 13.48 12.89 -0.23
N ARG C 145 12.50 13.65 0.26
CA ARG C 145 12.25 14.95 -0.34
C ARG C 145 13.21 16.01 0.20
N PHE C 146 13.53 15.95 1.49
CA PHE C 146 14.18 17.07 2.15
C PHE C 146 15.56 16.80 2.72
N LEU C 147 15.97 15.53 2.90
CA LEU C 147 17.22 15.30 3.58
C LEU C 147 18.37 15.92 2.81
N PRO C 148 18.42 15.85 1.49
CA PRO C 148 19.51 16.54 0.79
C PRO C 148 19.47 18.04 1.00
N LEU C 149 18.28 18.63 0.86
CA LEU C 149 18.16 20.08 1.00
C LEU C 149 18.51 20.52 2.42
N ILE C 150 18.00 19.81 3.44
CA ILE C 150 18.37 20.10 4.82
C ILE C 150 19.88 20.04 4.99
N THR C 151 20.50 18.99 4.43
CA THR C 151 21.94 18.80 4.57
C THR C 151 22.72 19.93 3.92
N ASP C 152 22.31 20.34 2.71
CA ASP C 152 23.01 21.41 2.03
C ASP C 152 22.95 22.71 2.85
N ILE C 153 21.77 23.05 3.36
CA ILE C 153 21.63 24.30 4.10
C ILE C 153 22.52 24.27 5.34
N LEU C 154 22.47 23.16 6.09
CA LEU C 154 23.24 23.08 7.33
C LEU C 154 24.74 23.13 7.06
N ALA C 155 25.20 22.59 5.92
CA ALA C 155 26.61 22.61 5.59
C ALA C 155 27.09 23.97 5.07
N ALA C 156 26.19 24.84 4.61
CA ALA C 156 26.61 26.04 3.93
C ALA C 156 27.53 26.88 4.83
N PRO C 157 28.49 27.59 4.25
CA PRO C 157 29.28 28.54 5.04
C PRO C 157 28.42 29.71 5.48
N PRO C 158 28.64 30.22 6.69
CA PRO C 158 27.84 31.36 7.17
C PRO C 158 28.13 32.63 6.39
N SER C 159 27.12 33.50 6.30
CA SER C 159 27.28 34.75 5.57
C SER C 159 27.73 35.83 6.53
N ASP C 163 20.94 37.93 7.09
CA ASP C 163 19.68 37.78 6.37
C ASP C 163 18.65 37.09 7.23
N ILE C 164 17.69 37.86 7.73
CA ILE C 164 16.71 37.30 8.65
C ILE C 164 15.94 36.17 7.98
N SER C 165 15.48 36.40 6.75
CA SER C 165 14.72 35.38 6.03
C SER C 165 15.52 34.09 5.89
N ARG C 166 16.79 34.19 5.47
CA ARG C 166 17.62 33.00 5.35
C ARG C 166 17.87 32.36 6.71
N GLU C 167 18.06 33.17 7.74
CA GLU C 167 18.36 32.63 9.06
C GLU C 167 17.16 31.89 9.65
N GLU C 168 15.94 32.36 9.37
CA GLU C 168 14.76 31.62 9.79
C GLU C 168 14.75 30.23 9.17
N ARG C 169 15.10 30.14 7.89
CA ARG C 169 15.15 28.82 7.24
C ARG C 169 16.22 27.95 7.87
N LEU C 170 17.36 28.54 8.23
CA LEU C 170 18.43 27.76 8.86
C LEU C 170 17.99 27.18 10.19
N HIS C 171 17.27 27.96 11.00
CA HIS C 171 16.84 27.40 12.27
C HIS C 171 15.78 26.34 12.07
N LYS C 172 14.92 26.47 11.06
CA LYS C 172 13.99 25.40 10.72
C LYS C 172 14.74 24.11 10.43
N CYS C 173 15.80 24.20 9.62
CA CYS C 173 16.56 23.00 9.26
C CYS C 173 17.24 22.40 10.47
N ARG C 174 17.74 23.23 11.39
CA ARG C 174 18.34 22.70 12.60
C ARG C 174 17.32 21.90 13.40
N LEU C 175 16.07 22.37 13.43
CA LEU C 175 15.05 21.63 14.17
C LEU C 175 14.72 20.32 13.46
N CYS C 176 14.50 20.38 12.15
CA CYS C 176 14.26 19.16 11.38
C CYS C 176 15.33 18.12 11.69
N PHE C 177 16.60 18.53 11.68
CA PHE C 177 17.70 17.64 12.01
C PHE C 177 17.59 17.10 13.44
N LYS C 178 17.29 17.97 14.40
CA LYS C 178 17.11 17.48 15.77
C LYS C 178 15.98 16.45 15.83
N GLN C 179 14.88 16.72 15.17
CA GLN C 179 13.79 15.77 15.20
C GLN C 179 14.17 14.48 14.46
N LEU C 180 14.82 14.61 13.32
CA LEU C 180 15.24 13.42 12.58
C LEU C 180 16.28 12.63 13.36
N LYS C 181 17.22 13.33 14.01
CA LYS C 181 18.21 12.65 14.83
C LYS C 181 17.52 11.86 15.94
N SER C 182 16.46 12.42 16.53
CA SER C 182 15.73 11.72 17.55
C SER C 182 14.99 10.52 16.96
N ILE C 183 14.39 10.71 15.79
CA ILE C 183 13.70 9.59 15.17
C ILE C 183 14.71 8.48 14.83
N SER C 184 15.94 8.86 14.46
CA SER C 184 16.92 7.84 14.05
C SER C 184 17.22 6.87 15.18
N GLY C 185 17.29 7.36 16.41
CA GLY C 185 17.53 6.46 17.52
C GLY C 185 16.38 5.48 17.71
N LEU C 186 15.15 5.96 17.53
CA LEU C 186 13.99 5.08 17.59
C LEU C 186 14.03 4.03 16.50
N VAL C 187 14.34 4.45 15.29
CA VAL C 187 14.34 3.48 14.19
C VAL C 187 15.41 2.42 14.44
N LYS C 188 16.58 2.83 14.94
CA LYS C 188 17.66 1.87 15.19
C LYS C 188 17.27 0.84 16.24
N SER C 189 16.41 1.20 17.20
CA SER C 189 16.02 0.25 18.23
C SER C 189 15.03 -0.80 17.71
N LYS C 190 14.41 -0.54 16.57
CA LYS C 190 13.49 -1.50 15.97
C LYS C 190 14.00 -2.15 14.69
N SER C 191 15.19 -1.78 14.18
CA SER C 191 15.67 -2.39 12.96
C SER C 191 16.03 -3.87 13.18
N GLY C 192 16.50 -4.20 14.37
CA GLY C 192 16.73 -5.58 14.75
C GLY C 192 15.56 -6.15 15.50
N LEU C 193 14.90 -7.17 14.95
CA LEU C 193 13.76 -7.79 15.61
C LEU C 193 13.88 -9.31 15.60
N GLY C 198 9.30 -3.81 11.03
CA GLY C 198 10.43 -4.72 11.02
C GLY C 198 11.36 -4.49 9.84
N SER C 199 10.92 -4.96 8.68
CA SER C 199 11.62 -4.63 7.44
C SER C 199 11.48 -3.15 7.11
N ALA C 200 10.39 -2.53 7.53
CA ALA C 200 10.23 -1.11 7.26
C ALA C 200 11.27 -0.31 8.03
N PHE C 201 11.59 -0.73 9.25
CA PHE C 201 12.55 0.00 10.06
C PHE C 201 13.98 -0.23 9.58
N ARG C 202 14.29 -1.42 9.08
CA ARG C 202 15.60 -1.62 8.46
C ARG C 202 15.81 -0.66 7.29
N GLU C 203 14.81 -0.57 6.41
CA GLU C 203 14.85 0.37 5.30
C GLU C 203 15.04 1.81 5.78
N LEU C 204 14.25 2.24 6.75
CA LEU C 204 14.41 3.61 7.23
C LEU C 204 15.80 3.80 7.83
N HIS C 205 16.31 2.79 8.55
CA HIS C 205 17.63 2.91 9.15
C HIS C 205 18.68 3.19 8.08
N LEU C 206 18.57 2.50 6.94
CA LEU C 206 19.51 2.74 5.85
C LEU C 206 19.30 4.12 5.25
N LEU C 207 18.03 4.56 5.10
CA LEU C 207 17.79 5.88 4.56
C LEU C 207 18.34 7.00 5.44
N MET C 208 18.51 6.74 6.73
CA MET C 208 19.01 7.74 7.66
C MET C 208 20.47 7.49 8.03
N ALA C 209 21.21 6.76 7.18
CA ALA C 209 22.55 6.32 7.55
C ALA C 209 23.43 7.49 7.98
N SER C 210 23.24 8.67 7.40
CA SER C 210 24.09 9.81 7.77
C SER C 210 23.97 10.18 9.24
N LEU C 211 22.89 9.81 9.91
CA LEU C 211 22.70 10.19 11.31
C LEU C 211 23.11 9.05 12.26
N SER D 4 -24.33 -18.11 9.93
CA SER D 4 -23.62 -18.37 11.18
C SER D 4 -23.62 -17.10 12.02
N LEU D 5 -24.40 -17.11 13.11
CA LEU D 5 -24.56 -15.91 13.92
C LEU D 5 -23.21 -15.43 14.46
N GLN D 6 -22.35 -16.36 14.88
CA GLN D 6 -21.03 -15.96 15.35
C GLN D 6 -20.21 -15.29 14.25
N MET D 7 -20.32 -15.77 13.02
CA MET D 7 -19.58 -15.12 11.94
C MET D 7 -20.10 -13.70 11.72
N ILE D 8 -21.41 -13.51 11.87
CA ILE D 8 -21.98 -12.17 11.79
C ILE D 8 -21.37 -11.29 12.87
N VAL D 9 -21.23 -11.81 14.09
CA VAL D 9 -20.66 -11.03 15.17
C VAL D 9 -19.19 -10.71 14.90
N GLU D 10 -18.43 -11.69 14.44
CA GLU D 10 -17.03 -11.46 14.15
C GLU D 10 -16.86 -10.44 13.02
N ASN D 11 -17.69 -10.53 11.99
CA ASN D 11 -17.60 -9.59 10.89
C ASN D 11 -17.99 -8.19 11.31
N VAL D 12 -18.94 -8.06 12.25
CA VAL D 12 -19.21 -6.75 12.83
C VAL D 12 -17.97 -6.21 13.51
N LYS D 13 -17.30 -7.05 14.31
CA LYS D 13 -16.08 -6.61 14.99
C LYS D 13 -15.04 -6.12 13.98
N LEU D 14 -14.83 -6.88 12.89
CA LEU D 14 -13.80 -6.45 11.96
C LEU D 14 -14.20 -5.14 11.28
N ALA D 15 -15.46 -5.00 10.88
CA ALA D 15 -15.89 -3.76 10.25
C ALA D 15 -15.60 -2.59 11.19
N ARG D 16 -15.92 -2.76 12.45
CA ARG D 16 -15.74 -1.67 13.42
C ARG D 16 -14.26 -1.41 13.68
N GLU D 17 -13.46 -2.47 13.83
CA GLU D 17 -12.03 -2.28 14.04
C GLU D 17 -11.40 -1.51 12.88
N TYR D 18 -11.65 -1.96 11.66
CA TYR D 18 -11.09 -1.27 10.50
C TYR D 18 -11.55 0.18 10.42
N ALA D 19 -12.82 0.45 10.76
CA ALA D 19 -13.30 1.83 10.78
C ALA D 19 -12.58 2.67 11.84
N LEU D 20 -12.37 2.09 13.03
CA LEU D 20 -11.69 2.81 14.09
C LEU D 20 -10.25 3.13 13.69
N LEU D 21 -9.62 2.24 12.94
CA LEU D 21 -8.24 2.43 12.51
C LEU D 21 -8.10 3.28 11.25
N GLY D 22 -9.20 3.74 10.66
CA GLY D 22 -9.11 4.55 9.45
C GLY D 22 -8.94 3.77 8.16
N ASN D 23 -9.17 2.47 8.18
CA ASN D 23 -9.16 1.67 6.94
C ASN D 23 -10.61 1.52 6.51
N TYR D 24 -11.14 2.62 5.95
CA TYR D 24 -12.56 2.70 5.64
C TYR D 24 -12.89 1.85 4.43
N ASP D 25 -11.95 1.68 3.50
CA ASP D 25 -12.19 0.77 2.39
C ASP D 25 -12.52 -0.63 2.88
N SER D 26 -11.66 -1.20 3.74
CA SER D 26 -11.94 -2.54 4.27
C SER D 26 -13.20 -2.53 5.11
N ALA D 27 -13.35 -1.51 5.96
CA ALA D 27 -14.52 -1.42 6.82
C ALA D 27 -15.79 -1.56 6.02
N MET D 28 -15.90 -0.84 4.91
CA MET D 28 -17.15 -0.88 4.16
C MET D 28 -17.43 -2.27 3.61
N VAL D 29 -16.37 -3.02 3.27
CA VAL D 29 -16.57 -4.38 2.79
C VAL D 29 -17.22 -5.23 3.86
N TYR D 30 -16.70 -5.16 5.09
CA TYR D 30 -17.28 -5.98 6.16
C TYR D 30 -18.66 -5.47 6.58
N TYR D 31 -18.84 -4.14 6.64
CA TYR D 31 -20.17 -3.62 7.01
C TYR D 31 -21.24 -4.07 6.02
N GLN D 32 -20.95 -3.93 4.71
CA GLN D 32 -21.94 -4.31 3.71
C GLN D 32 -22.11 -5.81 3.68
N GLY D 33 -21.02 -6.56 3.89
CA GLY D 33 -21.15 -8.00 4.04
C GLY D 33 -22.09 -8.39 5.17
N VAL D 34 -21.94 -7.79 6.34
CA VAL D 34 -22.77 -8.25 7.44
C VAL D 34 -24.20 -7.73 7.33
N LEU D 35 -24.40 -6.55 6.72
CA LEU D 35 -25.77 -6.09 6.48
C LEU D 35 -26.50 -7.05 5.54
N ASP D 36 -25.79 -7.61 4.56
CA ASP D 36 -26.41 -8.61 3.70
C ASP D 36 -26.63 -9.93 4.43
N GLN D 37 -25.62 -10.40 5.17
CA GLN D 37 -25.78 -11.64 5.95
C GLN D 37 -26.95 -11.52 6.89
N MET D 38 -27.02 -10.40 7.61
CA MET D 38 -28.07 -10.16 8.58
C MET D 38 -29.42 -10.03 7.90
N ASN D 39 -29.48 -9.26 6.81
CA ASN D 39 -30.76 -9.03 6.14
C ASN D 39 -31.35 -10.34 5.61
N LYS D 40 -30.57 -11.12 4.87
CA LYS D 40 -31.08 -12.41 4.39
C LYS D 40 -31.50 -13.29 5.56
N TYR D 41 -30.78 -13.25 6.67
CA TYR D 41 -31.14 -14.11 7.80
C TYR D 41 -32.59 -13.90 8.21
N LEU D 42 -33.09 -12.67 8.13
CA LEU D 42 -34.51 -12.42 8.38
C LEU D 42 -35.37 -13.49 7.67
N ASP D 47 -40.94 -15.36 13.88
CA ASP D 47 -41.55 -14.42 14.81
C ASP D 47 -41.49 -13.00 14.22
N THR D 48 -42.64 -12.36 14.06
CA THR D 48 -42.67 -11.04 13.44
C THR D 48 -41.87 -10.03 14.27
N HIS D 49 -41.98 -10.10 15.60
CA HIS D 49 -41.26 -9.13 16.40
C HIS D 49 -39.75 -9.39 16.38
N LEU D 50 -39.33 -10.67 16.39
CA LEU D 50 -37.89 -10.94 16.33
C LEU D 50 -37.30 -10.41 15.03
N ARG D 51 -38.05 -10.49 13.92
CA ARG D 51 -37.62 -9.85 12.68
C ARG D 51 -37.45 -8.34 12.88
N GLN D 52 -38.41 -7.70 13.56
CA GLN D 52 -38.30 -6.27 13.83
C GLN D 52 -37.10 -5.96 14.72
N LYS D 53 -36.73 -6.85 15.65
CA LYS D 53 -35.55 -6.61 16.45
C LYS D 53 -34.28 -6.68 15.60
N TRP D 54 -34.20 -7.67 14.69
CA TRP D 54 -33.02 -7.75 13.84
C TRP D 54 -32.95 -6.55 12.91
N GLN D 55 -34.10 -6.03 12.47
CA GLN D 55 -34.07 -4.80 11.68
C GLN D 55 -33.52 -3.65 12.52
N GLN D 56 -33.78 -3.67 13.83
CA GLN D 56 -33.19 -2.68 14.72
C GLN D 56 -31.67 -2.79 14.72
N VAL D 57 -31.13 -3.99 14.99
CA VAL D 57 -29.68 -4.20 14.90
C VAL D 57 -29.19 -3.85 13.51
N TRP D 58 -29.89 -4.34 12.49
CA TRP D 58 -29.54 -3.99 11.11
C TRP D 58 -29.52 -2.49 10.94
N GLN D 59 -30.48 -1.79 11.54
CA GLN D 59 -30.50 -0.35 11.38
C GLN D 59 -29.34 0.31 12.09
N GLU D 60 -28.90 -0.24 13.22
CA GLU D 60 -27.78 0.35 13.95
C GLU D 60 -26.50 0.15 13.16
N ILE D 61 -26.25 -1.08 12.73
CA ILE D 61 -25.07 -1.33 11.88
C ILE D 61 -25.12 -0.41 10.66
N ASN D 62 -26.29 -0.29 10.04
CA ASN D 62 -26.44 0.58 8.89
C ASN D 62 -26.08 2.03 9.21
N VAL D 63 -26.45 2.52 10.40
CA VAL D 63 -26.07 3.86 10.81
C VAL D 63 -24.55 4.03 10.78
N GLU D 64 -23.83 3.07 11.38
CA GLU D 64 -22.37 3.11 11.40
C GLU D 64 -21.79 3.11 9.99
N ALA D 65 -22.33 2.26 9.12
CA ALA D 65 -21.81 2.18 7.76
C ALA D 65 -22.03 3.49 7.02
N LYS D 66 -23.17 4.15 7.28
CA LYS D 66 -23.42 5.42 6.60
C LYS D 66 -22.46 6.47 7.11
N GLN D 67 -22.17 6.47 8.41
N GLN D 67 -22.15 6.46 8.40
CA GLN D 67 -21.14 7.34 8.96
CA GLN D 67 -21.14 7.37 8.92
C GLN D 67 -19.81 7.13 8.23
C GLN D 67 -19.77 7.14 8.27
N VAL D 68 -19.41 5.88 8.06
CA VAL D 68 -18.14 5.60 7.38
C VAL D 68 -18.18 6.18 5.98
N LYS D 69 -19.28 5.94 5.25
CA LYS D 69 -19.43 6.51 3.91
C LYS D 69 -19.34 8.04 3.94
N ASP D 70 -19.97 8.68 4.92
CA ASP D 70 -19.87 10.13 5.04
C ASP D 70 -18.42 10.56 5.27
N ILE D 71 -17.70 9.85 6.15
CA ILE D 71 -16.30 10.15 6.38
C ILE D 71 -15.52 10.01 5.08
N MET D 72 -15.80 8.96 4.30
CA MET D 72 -15.09 8.75 3.05
C MET D 72 -15.43 9.84 2.05
N LYS D 73 -16.68 10.34 2.07
CA LYS D 73 -17.02 11.45 1.18
C LYS D 73 -16.20 12.68 1.53
N THR D 74 -16.05 12.97 2.83
CA THR D 74 -15.22 14.08 3.24
C THR D 74 -13.77 13.90 2.81
N LEU D 75 -13.21 12.72 3.08
CA LEU D 75 -11.81 12.49 2.74
C LEU D 75 -11.58 12.63 1.25
N GLU D 76 -12.50 12.12 0.44
CA GLU D 76 -12.35 12.26 -1.00
C GLU D 76 -12.40 13.72 -1.41
N SER D 77 -13.12 14.55 -0.65
CA SER D 77 -13.23 15.95 -0.97
C SER D 77 -11.90 16.70 -0.81
N PHE D 78 -10.83 16.06 -0.33
CA PHE D 78 -9.54 16.74 -0.19
C PHE D 78 -8.79 16.92 -1.51
N LYS D 79 -9.44 16.73 -2.66
CA LYS D 79 -8.88 17.08 -3.96
C LYS D 79 -10.01 17.32 -4.95
N ILE E 1 10.58 -15.29 -11.94
CA ILE E 1 11.72 -14.81 -11.18
C ILE E 1 12.33 -15.85 -10.22
N GLU E 2 11.71 -17.01 -10.11
CA GLU E 2 12.14 -17.99 -9.10
C GLU E 2 13.61 -18.36 -9.26
N GLU E 3 14.01 -18.69 -10.48
CA GLU E 3 15.40 -19.07 -10.71
C GLU E 3 16.35 -17.97 -10.28
N ALA E 4 16.08 -16.75 -10.69
CA ALA E 4 16.92 -15.63 -10.29
C ALA E 4 16.94 -15.48 -8.77
N LEU E 5 15.80 -15.66 -8.11
CA LEU E 5 15.76 -15.53 -6.67
C LEU E 5 16.66 -16.56 -6.01
N GLN E 6 16.64 -17.81 -6.52
CA GLN E 6 17.45 -18.86 -5.90
C GLN E 6 18.94 -18.61 -6.15
N ILE E 7 19.27 -18.07 -7.34
CA ILE E 7 20.65 -17.67 -7.61
C ILE E 7 21.07 -16.61 -6.59
N ILE E 8 20.27 -15.57 -6.42
CA ILE E 8 20.60 -14.50 -5.47
C ILE E 8 20.64 -15.05 -4.05
N HIS E 9 19.74 -15.98 -3.72
CA HIS E 9 19.71 -16.53 -2.38
C HIS E 9 20.98 -17.30 -2.06
N SER E 10 21.52 -18.03 -3.03
CA SER E 10 22.71 -18.84 -2.81
C SER E 10 23.93 -17.94 -2.63
N ILE F 1 -8.16 5.81 19.95
CA ILE F 1 -9.15 4.78 19.67
C ILE F 1 -9.05 3.58 20.60
N GLU F 2 -8.01 3.55 21.43
CA GLU F 2 -7.76 2.37 22.25
C GLU F 2 -8.98 2.03 23.09
N GLU F 3 -9.58 3.05 23.72
CA GLU F 3 -10.82 2.84 24.46
C GLU F 3 -11.90 2.19 23.61
N ALA F 4 -12.19 2.78 22.45
CA ALA F 4 -13.21 2.25 21.56
C ALA F 4 -12.89 0.83 21.10
N LEU F 5 -11.61 0.54 20.84
CA LEU F 5 -11.25 -0.79 20.37
C LEU F 5 -11.56 -1.85 21.42
N GLN F 6 -11.23 -1.58 22.68
CA GLN F 6 -11.48 -2.59 23.72
C GLN F 6 -12.96 -2.78 23.96
N ILE F 7 -13.75 -1.71 23.83
CA ILE F 7 -15.20 -1.81 23.99
C ILE F 7 -15.79 -2.77 22.96
N ILE F 8 -15.52 -2.53 21.68
CA ILE F 8 -16.10 -3.39 20.65
C ILE F 8 -15.55 -4.81 20.74
N HIS F 9 -14.29 -4.95 21.16
CA HIS F 9 -13.69 -6.28 21.30
C HIS F 9 -14.41 -7.11 22.36
N SER F 10 -14.85 -6.47 23.44
CA SER F 10 -15.47 -7.18 24.55
C SER F 10 -16.82 -7.76 24.11
C1 EDO G . -34.01 -3.96 6.49
O1 EDO G . -34.27 -5.35 6.73
C2 EDO G . -33.95 -3.70 4.99
O2 EDO G . -33.66 -2.33 4.76
H11 EDO G . -33.06 -3.67 6.96
H12 EDO G . -34.80 -3.36 6.94
HO1 EDO G . -34.27 -5.51 7.68
H21 EDO G . -33.17 -4.33 4.54
H22 EDO G . -34.90 -3.97 4.53
HO2 EDO G . -33.63 -2.16 3.80
C1 PEG H . -11.74 7.02 1.28
O1 PEG H . -11.82 8.08 0.36
C2 PEG H . -10.27 6.68 1.53
O2 PEG H . -10.21 5.59 2.40
C3 PEG H . -8.91 5.26 2.79
C4 PEG H . -8.96 4.12 3.80
O4 PEG H . -9.64 3.03 3.23
H11 PEG H . -12.19 6.24 0.92
H12 PEG H . -12.16 7.27 2.12
HO1 PEG H . -12.65 8.27 0.23
H21 PEG H . -9.85 6.45 0.68
H22 PEG H . -9.82 7.44 1.91
H31 PEG H . -8.48 6.04 3.18
H32 PEG H . -8.39 4.98 2.00
H41 PEG H . -9.42 4.42 4.59
H42 PEG H . -8.05 3.86 4.03
HO4 PEG H . -9.42 2.32 3.65
#